data_4Z97
#
_entry.id   4Z97
#
_cell.length_a   123.659
_cell.length_b   123.659
_cell.length_c   152.928
_cell.angle_alpha   90.00
_cell.angle_beta   90.00
_cell.angle_gamma   120.00
#
_symmetry.space_group_name_H-M   'P 32 2 1'
#
loop_
_entity.id
_entity.type
_entity.pdbx_description
1 polymer 'Ubiquitin carboxyl-terminal hydrolase 7'
2 polymer 'DNA (cytosine-5)-methyltransferase 1'
3 non-polymer GLYCEROL
#
loop_
_entity_poly.entity_id
_entity_poly.type
_entity_poly.pdbx_seq_one_letter_code
_entity_poly.pdbx_strand_id
1 'polypeptide(L)'
;SGPLGSEAHLYMQVQIVAEDQFCGHQGNDMYDEEKVKYTVFKVLKNSSLAEFVQSLSQTMGFPQDQIRLWPMQARSNGTK
RPAMLDNEADGNKTMIELSDNENPWTIFLETVDPELAASGATLPKFDKDHDVMLFLKMYDPKTRSLNYCGHIYTPISCKI
RDLLPVMCDRAGFIQDTSLILYEEVKPNLTERIQDYDVSLDKALDELMDGDIIVFQKDDPENDNSELPTAKEYFRDLYHR
VDVIFCDKTIPNDPGFVVTLSNRMNYFQVAKTVAQRLNTDPMLLQFFKSQGYRDGPGNPLRHNYEGTLRDLLQFFKPRQP
KKLYYQQLKMKITDFENRRSFKCIWLNSQFREEEITLYPDKHGCVRDLLEECKKAVELGEKASGKLRLLEIVSYKIIGVH
QEDELLECLSPATSRTFRIEEIPLDQVDIDKENEMLVTVAHFHKEVFGTFGIPFLLRIHQGEHFREVMKRIQSLLDIQEK
EFEKFKFAIVMMGRHQYINEDEYEVNLKDFEPQPGNMSHPRPWLGLDHFN
;
A
2 'polypeptide(L)' SDWPNHARSPGNKGKGKGQGKGKPKSQACEPSE C
#
# COMPACT_ATOMS: atom_id res chain seq x y z
N GLY A 2 40.05 -14.90 -10.01
CA GLY A 2 38.71 -15.40 -9.72
C GLY A 2 37.61 -14.61 -10.41
N PRO A 3 36.49 -14.36 -9.72
CA PRO A 3 36.23 -15.00 -8.41
C PRO A 3 35.72 -16.42 -8.65
N LEU A 4 34.69 -16.52 -9.49
CA LEU A 4 34.18 -17.74 -10.09
C LEU A 4 35.29 -18.65 -10.66
N GLY A 5 35.40 -19.87 -10.15
CA GLY A 5 36.44 -20.79 -10.58
C GLY A 5 36.22 -21.42 -11.94
N SER A 6 37.29 -21.95 -12.53
CA SER A 6 37.25 -22.39 -13.93
C SER A 6 36.43 -23.66 -14.15
N GLU A 7 36.16 -24.39 -13.08
CA GLU A 7 35.42 -25.65 -13.19
C GLU A 7 34.00 -25.52 -12.65
N ALA A 8 33.67 -24.32 -12.15
CA ALA A 8 32.36 -24.07 -11.52
C ALA A 8 31.17 -24.45 -12.39
N HIS A 9 31.37 -24.52 -13.70
CA HIS A 9 30.26 -24.82 -14.60
C HIS A 9 29.99 -26.31 -14.62
N LEU A 10 31.01 -27.12 -14.43
CA LEU A 10 30.83 -28.57 -14.45
C LEU A 10 29.91 -29.02 -13.35
N TYR A 11 29.72 -28.15 -12.36
CA TYR A 11 28.98 -28.51 -11.16
C TYR A 11 27.54 -27.99 -11.20
N MET A 12 26.64 -28.79 -10.65
CA MET A 12 25.26 -28.35 -10.41
C MET A 12 25.01 -28.49 -8.92
N GLN A 13 23.93 -27.88 -8.44
CA GLN A 13 23.54 -27.96 -7.01
C GLN A 13 22.33 -28.89 -6.76
N VAL A 14 22.50 -29.89 -5.91
CA VAL A 14 21.38 -30.75 -5.57
C VAL A 14 20.94 -30.55 -4.12
N GLN A 15 19.67 -30.20 -3.95
CA GLN A 15 19.13 -29.88 -2.63
C GLN A 15 18.32 -31.05 -2.08
N ILE A 16 18.88 -31.77 -1.11
CA ILE A 16 18.14 -32.88 -0.49
C ILE A 16 17.24 -32.33 0.60
N VAL A 17 16.03 -32.89 0.72
CA VAL A 17 15.11 -32.51 1.78
C VAL A 17 14.51 -33.75 2.46
N ALA A 18 14.71 -33.85 3.78
CA ALA A 18 14.21 -35.00 4.55
C ALA A 18 12.80 -34.81 5.07
N GLU A 19 12.15 -35.91 5.42
CA GLU A 19 10.72 -35.86 5.73
C GLU A 19 10.42 -35.05 7.00
N ASP A 20 11.40 -34.94 7.88
CA ASP A 20 11.25 -34.09 9.06
C ASP A 20 10.88 -32.64 8.68
N GLN A 21 11.28 -32.18 7.50
CA GLN A 21 11.00 -30.81 7.07
C GLN A 21 9.56 -30.62 6.67
N PHE A 22 8.82 -31.71 6.63
CA PHE A 22 7.43 -31.67 6.19
C PHE A 22 6.54 -31.41 7.39
N CYS A 23 7.10 -31.69 8.57
CA CYS A 23 6.34 -31.63 9.82
C CYS A 23 6.02 -30.18 10.20
N GLY A 24 4.76 -29.94 10.57
CA GLY A 24 4.35 -28.65 11.04
C GLY A 24 4.31 -27.56 9.99
N HIS A 25 4.45 -27.93 8.72
CA HIS A 25 4.19 -26.96 7.66
C HIS A 25 2.70 -26.61 7.66
N GLN A 26 2.38 -25.33 7.55
CA GLN A 26 0.99 -24.94 7.65
C GLN A 26 0.31 -24.62 6.30
N GLY A 27 1.11 -24.45 5.25
CA GLY A 27 0.57 -24.10 3.94
C GLY A 27 0.26 -25.26 3.02
N ASN A 28 0.21 -24.99 1.71
CA ASN A 28 0.03 -26.03 0.70
C ASN A 28 1.34 -26.75 0.39
N ASP A 29 1.27 -27.83 -0.39
CA ASP A 29 2.43 -28.67 -0.73
C ASP A 29 3.17 -29.15 0.54
N MET A 30 4.41 -29.57 0.42
CA MET A 30 5.08 -30.22 1.56
C MET A 30 5.75 -29.25 2.52
N TYR A 31 6.31 -28.17 1.99
CA TYR A 31 7.11 -27.26 2.79
C TYR A 31 7.06 -25.88 2.18
N ASP A 32 7.50 -24.88 2.91
CA ASP A 32 7.60 -23.53 2.34
C ASP A 32 9.01 -23.30 1.80
N GLU A 33 9.12 -22.85 0.55
CA GLU A 33 10.41 -22.86 -0.11
C GLU A 33 11.43 -21.95 0.56
N GLU A 34 10.98 -20.89 1.23
CA GLU A 34 11.91 -19.97 1.87
C GLU A 34 12.04 -20.19 3.37
N LYS A 35 11.64 -21.38 3.84
CA LYS A 35 11.80 -21.72 5.25
C LYS A 35 12.51 -23.06 5.40
N VAL A 36 12.43 -23.89 4.37
CA VAL A 36 12.93 -25.27 4.44
C VAL A 36 14.44 -25.38 4.57
N LYS A 37 14.89 -26.31 5.41
CA LYS A 37 16.31 -26.60 5.58
C LYS A 37 16.69 -27.80 4.68
N TYR A 38 17.59 -27.53 3.72
CA TYR A 38 18.11 -28.56 2.84
C TYR A 38 19.46 -29.09 3.30
N THR A 39 19.84 -30.25 2.78
CA THR A 39 21.22 -30.71 2.81
C THR A 39 21.73 -30.55 1.40
N VAL A 40 22.63 -29.61 1.17
CA VAL A 40 23.03 -29.27 -0.18
C VAL A 40 24.30 -29.97 -0.66
N PHE A 41 24.28 -30.46 -1.90
CA PHE A 41 25.43 -31.11 -2.50
C PHE A 41 25.88 -30.36 -3.74
N LYS A 42 27.18 -30.19 -3.89
CA LYS A 42 27.71 -29.65 -5.14
C LYS A 42 28.23 -30.80 -5.99
N VAL A 43 27.42 -31.24 -6.95
CA VAL A 43 27.76 -32.47 -7.64
C VAL A 43 28.19 -32.21 -9.07
N LEU A 44 29.00 -33.12 -9.61
CA LEU A 44 29.39 -33.00 -11.01
C LEU A 44 28.15 -33.26 -11.87
N LYS A 45 27.77 -32.24 -12.63
CA LYS A 45 26.71 -32.35 -13.63
C LYS A 45 26.72 -33.68 -14.39
N ASN A 46 27.84 -33.98 -15.03
CA ASN A 46 27.92 -35.11 -15.94
C ASN A 46 28.02 -36.46 -15.22
N SER A 47 28.03 -36.44 -13.89
CA SER A 47 28.13 -37.67 -13.10
C SER A 47 26.82 -38.44 -13.00
N SER A 48 26.90 -39.70 -12.59
CA SER A 48 25.71 -40.55 -12.56
C SER A 48 24.93 -40.54 -11.26
N LEU A 49 23.74 -41.11 -11.33
CA LEU A 49 22.86 -41.22 -10.19
C LEU A 49 23.42 -42.23 -9.18
N ALA A 50 24.10 -43.26 -9.66
CA ALA A 50 24.64 -44.26 -8.76
C ALA A 50 25.73 -43.63 -7.90
N GLU A 51 26.66 -42.94 -8.57
CA GLU A 51 27.72 -42.21 -7.92
C GLU A 51 27.15 -41.31 -6.82
N PHE A 52 26.11 -40.56 -7.16
CA PHE A 52 25.50 -39.66 -6.21
C PHE A 52 24.82 -40.39 -5.08
N VAL A 53 24.15 -41.49 -5.35
CA VAL A 53 23.41 -42.18 -4.31
C VAL A 53 24.39 -42.82 -3.34
N GLN A 54 25.57 -43.19 -3.80
CA GLN A 54 26.57 -43.65 -2.85
C GLN A 54 27.12 -42.49 -2.04
N SER A 55 27.52 -41.43 -2.74
CA SER A 55 28.08 -40.26 -2.11
C SER A 55 27.16 -39.82 -0.97
N LEU A 56 25.88 -39.77 -1.30
CA LEU A 56 24.83 -39.39 -0.37
C LEU A 56 24.68 -40.38 0.76
N SER A 57 24.67 -41.66 0.40
CA SER A 57 24.55 -42.72 1.38
C SER A 57 25.62 -42.57 2.47
N GLN A 58 26.85 -42.30 2.05
CA GLN A 58 27.98 -42.22 2.97
C GLN A 58 27.89 -40.94 3.78
N THR A 59 27.59 -39.83 3.11
CA THR A 59 27.53 -38.54 3.79
C THR A 59 26.48 -38.55 4.90
N MET A 60 25.32 -39.12 4.61
CA MET A 60 24.18 -39.05 5.54
C MET A 60 24.06 -40.24 6.48
N GLY A 61 24.89 -41.26 6.30
CA GLY A 61 24.90 -42.38 7.21
C GLY A 61 23.70 -43.29 7.06
N PHE A 62 23.39 -43.67 5.83
CA PHE A 62 22.38 -44.68 5.59
C PHE A 62 22.89 -45.71 4.61
N PRO A 63 22.58 -46.99 4.84
CA PRO A 63 22.79 -47.97 3.78
C PRO A 63 21.90 -47.63 2.60
N GLN A 64 22.28 -47.99 1.39
CA GLN A 64 21.51 -47.60 0.22
C GLN A 64 20.16 -48.33 0.13
N ASP A 65 20.08 -49.51 0.75
CA ASP A 65 18.83 -50.27 0.76
C ASP A 65 17.87 -49.77 1.85
N GLN A 66 18.12 -48.57 2.35
CA GLN A 66 17.24 -47.97 3.35
C GLN A 66 16.86 -46.55 2.94
N ILE A 67 17.30 -46.14 1.76
CA ILE A 67 16.86 -44.85 1.24
C ILE A 67 16.28 -44.95 -0.17
N ARG A 68 15.39 -44.02 -0.47
N ARG A 68 15.35 -44.06 -0.45
CA ARG A 68 14.80 -43.91 -1.80
CA ARG A 68 14.86 -43.90 -1.82
C ARG A 68 14.59 -42.45 -2.15
C ARG A 68 14.79 -42.40 -2.09
N LEU A 69 14.99 -42.04 -3.34
CA LEU A 69 14.95 -40.63 -3.72
C LEU A 69 13.75 -40.37 -4.61
N TRP A 70 13.01 -39.35 -4.23
CA TRP A 70 11.84 -38.90 -4.97
C TRP A 70 12.07 -37.46 -5.32
N PRO A 71 12.53 -37.17 -6.54
CA PRO A 71 12.80 -35.77 -6.91
C PRO A 71 11.56 -34.92 -6.76
N MET A 72 11.71 -33.72 -6.20
CA MET A 72 10.66 -32.73 -6.16
C MET A 72 10.52 -32.09 -7.55
N GLN A 73 9.40 -32.35 -8.22
CA GLN A 73 9.16 -31.77 -9.52
C GLN A 73 7.88 -30.91 -9.56
N ALA A 74 7.88 -29.93 -10.46
CA ALA A 74 6.74 -29.02 -10.58
C ALA A 74 5.65 -29.62 -11.45
N ARG A 75 4.42 -29.15 -11.25
CA ARG A 75 3.29 -29.63 -12.02
C ARG A 75 2.74 -28.46 -12.82
N SER A 76 1.90 -28.74 -13.83
CA SER A 76 1.40 -27.67 -14.69
C SER A 76 0.68 -26.63 -13.86
N ASN A 77 -0.03 -27.10 -12.83
CA ASN A 77 -0.88 -26.23 -12.04
C ASN A 77 -0.15 -25.45 -10.95
N GLY A 78 1.17 -25.53 -10.93
CA GLY A 78 1.95 -24.69 -10.04
C GLY A 78 2.47 -25.34 -8.79
N THR A 79 1.96 -26.52 -8.45
CA THR A 79 2.38 -27.18 -7.23
C THR A 79 3.71 -27.85 -7.50
N LYS A 80 4.38 -28.26 -6.42
CA LYS A 80 5.62 -29.01 -6.53
C LYS A 80 5.53 -30.18 -5.57
N ARG A 81 5.61 -31.40 -6.10
CA ARG A 81 5.48 -32.59 -5.27
C ARG A 81 6.57 -33.60 -5.58
N PRO A 82 6.81 -34.55 -4.67
CA PRO A 82 7.77 -35.59 -5.03
C PRO A 82 7.26 -36.45 -6.16
N ALA A 83 8.16 -36.83 -7.06
CA ALA A 83 7.79 -37.64 -8.21
C ALA A 83 8.63 -38.90 -8.20
N MET A 84 8.11 -39.94 -8.82
CA MET A 84 8.83 -41.20 -8.89
C MET A 84 10.10 -41.03 -9.73
N LEU A 85 11.22 -41.52 -9.20
CA LEU A 85 12.39 -41.73 -10.02
C LEU A 85 13.00 -43.09 -9.74
N ASP A 86 13.26 -43.83 -10.82
CA ASP A 86 13.74 -45.20 -10.74
C ASP A 86 15.22 -45.23 -10.40
N ASN A 87 15.54 -45.57 -9.15
CA ASN A 87 16.91 -45.51 -8.65
C ASN A 87 17.85 -46.54 -9.28
N GLU A 88 17.35 -47.36 -10.20
CA GLU A 88 18.14 -48.42 -10.83
C GLU A 88 17.99 -48.50 -12.36
N ALA A 89 16.88 -48.00 -12.89
CA ALA A 89 16.71 -47.91 -14.34
C ALA A 89 17.32 -46.62 -14.87
N ASP A 90 17.18 -45.56 -14.09
CA ASP A 90 17.69 -44.25 -14.45
C ASP A 90 19.08 -43.99 -13.84
N GLY A 91 19.56 -44.91 -13.01
CA GLY A 91 20.87 -44.78 -12.38
C GLY A 91 22.07 -44.62 -13.31
N ASN A 92 21.95 -45.15 -14.53
CA ASN A 92 23.01 -45.06 -15.55
C ASN A 92 23.16 -43.63 -16.08
N LYS A 93 22.04 -42.91 -16.15
CA LYS A 93 21.97 -41.56 -16.71
C LYS A 93 22.74 -40.57 -15.85
N THR A 94 22.94 -39.35 -16.38
CA THR A 94 23.67 -38.32 -15.64
C THR A 94 22.73 -37.34 -14.93
N MET A 95 23.29 -36.46 -14.10
CA MET A 95 22.45 -35.69 -13.20
C MET A 95 21.68 -34.58 -13.91
N ILE A 96 22.22 -33.94 -14.94
CA ILE A 96 21.44 -32.87 -15.57
C ILE A 96 20.32 -33.49 -16.41
N GLU A 97 20.61 -34.66 -16.99
CA GLU A 97 19.57 -35.45 -17.64
C GLU A 97 18.38 -35.67 -16.72
N LEU A 98 18.61 -36.29 -15.57
CA LEU A 98 17.52 -36.55 -14.64
C LEU A 98 16.87 -35.26 -14.14
N SER A 99 17.71 -34.24 -13.97
CA SER A 99 17.29 -32.93 -13.50
C SER A 99 16.45 -32.13 -14.49
N ASP A 100 16.53 -32.51 -15.76
CA ASP A 100 15.97 -31.71 -16.83
C ASP A 100 16.54 -30.29 -16.79
N ASN A 101 17.82 -30.21 -16.47
CA ASN A 101 18.55 -28.93 -16.35
C ASN A 101 18.12 -28.02 -15.21
N GLU A 102 17.34 -28.54 -14.27
CA GLU A 102 17.10 -27.84 -13.02
C GLU A 102 18.42 -27.59 -12.31
N ASN A 103 18.68 -26.33 -11.97
CA ASN A 103 19.78 -25.99 -11.08
C ASN A 103 19.33 -24.81 -10.26
N PRO A 104 19.03 -25.04 -8.99
CA PRO A 104 19.26 -26.31 -8.30
C PRO A 104 18.14 -27.32 -8.52
N TRP A 105 18.41 -28.57 -8.18
CA TRP A 105 17.46 -29.67 -8.24
C TRP A 105 17.14 -30.10 -6.83
N THR A 106 15.87 -30.20 -6.47
CA THR A 106 15.51 -30.63 -5.13
C THR A 106 14.99 -32.04 -5.12
N ILE A 107 15.55 -32.88 -4.25
CA ILE A 107 15.07 -34.24 -4.12
C ILE A 107 14.58 -34.56 -2.70
N PHE A 108 13.43 -35.20 -2.61
CA PHE A 108 12.94 -35.73 -1.34
C PHE A 108 13.63 -37.03 -1.03
N LEU A 109 14.31 -37.09 0.10
CA LEU A 109 14.93 -38.33 0.55
C LEU A 109 14.03 -39.09 1.49
N GLU A 110 13.52 -40.25 1.06
CA GLU A 110 12.81 -41.18 1.95
C GLU A 110 13.78 -42.12 2.64
N THR A 111 13.59 -42.36 3.95
CA THR A 111 14.34 -43.40 4.66
C THR A 111 13.40 -44.29 5.49
N VAL A 112 13.97 -45.18 6.29
CA VAL A 112 13.16 -46.13 7.05
C VAL A 112 12.94 -45.64 8.47
N ASP A 113 11.74 -45.90 9.00
CA ASP A 113 11.38 -45.50 10.36
C ASP A 113 12.47 -45.94 11.32
N PRO A 114 13.32 -44.99 11.74
CA PRO A 114 14.62 -45.25 12.38
C PRO A 114 14.53 -46.28 13.51
N GLU A 115 13.36 -46.36 14.14
CA GLU A 115 13.06 -47.45 15.06
C GLU A 115 13.21 -48.79 14.35
N LEU A 116 12.40 -49.02 13.33
CA LEU A 116 12.46 -50.27 12.57
C LEU A 116 13.78 -50.42 11.81
N ALA A 117 14.51 -49.32 11.62
CA ALA A 117 15.83 -49.34 10.96
C ALA A 117 16.83 -50.15 11.76
N ALA A 118 16.51 -50.38 13.02
CA ALA A 118 17.26 -51.28 13.88
C ALA A 118 17.44 -52.64 13.21
N SER A 119 16.31 -53.30 12.93
CA SER A 119 16.26 -54.65 12.39
C SER A 119 17.13 -54.87 11.14
N GLY A 120 17.47 -53.78 10.46
CA GLY A 120 18.06 -53.86 9.13
C GLY A 120 16.90 -53.89 8.17
N ALA A 121 15.86 -53.12 8.51
CA ALA A 121 14.62 -53.07 7.76
C ALA A 121 14.81 -52.61 6.32
N THR A 122 14.44 -53.47 5.40
CA THR A 122 14.35 -53.10 4.00
C THR A 122 13.21 -52.11 3.80
N LEU A 123 13.44 -51.14 2.94
CA LEU A 123 12.40 -50.18 2.58
C LEU A 123 11.46 -50.83 1.57
N PRO A 124 10.14 -50.85 1.85
CA PRO A 124 9.14 -51.64 1.11
C PRO A 124 9.30 -51.57 -0.41
N LYS A 125 9.04 -52.69 -1.08
CA LYS A 125 9.03 -52.69 -2.55
C LYS A 125 7.92 -51.77 -3.02
N PHE A 126 8.09 -51.20 -4.20
CA PHE A 126 7.15 -50.21 -4.72
C PHE A 126 7.02 -50.32 -6.25
N ASP A 127 5.86 -50.73 -6.75
CA ASP A 127 5.69 -50.88 -8.20
C ASP A 127 5.30 -49.58 -8.91
N LYS A 128 6.12 -49.12 -9.85
CA LYS A 128 5.93 -47.81 -10.45
C LYS A 128 4.58 -47.61 -11.16
N ASP A 129 4.01 -48.71 -11.65
CA ASP A 129 2.79 -48.62 -12.44
C ASP A 129 1.53 -48.89 -11.62
N HIS A 130 1.68 -49.72 -10.59
CA HIS A 130 0.54 -50.22 -9.82
C HIS A 130 0.39 -49.57 -8.44
N ASP A 131 1.49 -49.05 -7.88
CA ASP A 131 1.40 -48.38 -6.59
C ASP A 131 1.52 -46.85 -6.67
N VAL A 132 1.16 -46.19 -5.58
CA VAL A 132 1.29 -44.76 -5.45
C VAL A 132 1.79 -44.43 -4.06
N MET A 133 2.62 -43.40 -3.97
CA MET A 133 2.98 -42.89 -2.67
C MET A 133 2.19 -41.63 -2.38
N LEU A 134 1.29 -41.71 -1.39
CA LEU A 134 0.47 -40.56 -0.96
C LEU A 134 0.99 -39.92 0.32
N PHE A 135 0.75 -38.62 0.46
CA PHE A 135 1.05 -37.98 1.74
C PHE A 135 -0.22 -37.63 2.51
N LEU A 136 -0.15 -37.77 3.83
CA LEU A 136 -1.30 -37.53 4.70
C LEU A 136 -1.12 -36.29 5.55
N LYS A 137 -2.16 -35.47 5.61
CA LYS A 137 -2.19 -34.34 6.52
C LYS A 137 -3.50 -34.38 7.31
N MET A 138 -3.43 -34.10 8.60
CA MET A 138 -4.65 -34.05 9.39
C MET A 138 -4.99 -32.59 9.64
N TYR A 139 -6.25 -32.21 9.42
CA TYR A 139 -6.64 -30.85 9.74
C TYR A 139 -7.44 -30.80 11.03
N ASP A 140 -6.98 -29.95 11.96
CA ASP A 140 -7.66 -29.75 13.23
C ASP A 140 -8.29 -28.37 13.33
N PRO A 141 -9.64 -28.32 13.29
CA PRO A 141 -10.44 -27.11 13.35
C PRO A 141 -10.24 -26.30 14.62
N LYS A 142 -10.14 -26.97 15.77
CA LYS A 142 -10.08 -26.28 17.06
C LYS A 142 -8.90 -25.28 17.09
N THR A 143 -7.75 -25.72 16.58
CA THR A 143 -6.56 -24.87 16.58
C THR A 143 -6.31 -24.27 15.21
N ARG A 144 -7.18 -24.63 14.26
CA ARG A 144 -7.05 -24.21 12.87
C ARG A 144 -5.65 -24.52 12.36
N SER A 145 -5.23 -25.78 12.50
CA SER A 145 -3.86 -26.12 12.11
C SER A 145 -3.76 -27.45 11.37
N LEU A 146 -2.61 -27.62 10.70
CA LEU A 146 -2.31 -28.84 9.96
C LEU A 146 -1.24 -29.62 10.66
N ASN A 147 -1.49 -30.91 10.84
CA ASN A 147 -0.50 -31.80 11.41
C ASN A 147 -0.12 -32.89 10.43
N TYR A 148 1.15 -32.87 10.02
CA TYR A 148 1.67 -33.82 9.03
C TYR A 148 1.54 -35.23 9.56
N CYS A 149 1.11 -36.15 8.70
CA CYS A 149 0.89 -37.55 9.10
C CYS A 149 1.64 -38.52 8.21
N GLY A 150 2.69 -38.03 7.55
CA GLY A 150 3.60 -38.86 6.81
C GLY A 150 3.12 -39.32 5.46
N HIS A 151 3.66 -40.43 4.98
CA HIS A 151 3.29 -40.91 3.66
C HIS A 151 3.07 -42.39 3.72
N ILE A 152 2.38 -42.91 2.70
CA ILE A 152 2.09 -44.32 2.60
C ILE A 152 2.31 -44.80 1.17
N TYR A 153 2.83 -46.04 1.05
CA TYR A 153 2.75 -46.75 -0.22
C TYR A 153 1.40 -47.44 -0.21
N THR A 154 0.66 -47.31 -1.29
CA THR A 154 -0.57 -48.07 -1.39
C THR A 154 -0.76 -48.46 -2.83
N PRO A 155 -1.32 -49.64 -3.08
CA PRO A 155 -1.71 -49.94 -4.45
C PRO A 155 -2.77 -48.96 -4.89
N ILE A 156 -2.83 -48.63 -6.17
CA ILE A 156 -3.81 -47.63 -6.60
C ILE A 156 -5.19 -48.26 -6.69
N SER A 157 -5.24 -49.59 -6.70
CA SER A 157 -6.49 -50.33 -6.70
C SER A 157 -7.20 -50.24 -5.35
N CYS A 158 -6.42 -49.98 -4.30
CA CYS A 158 -6.92 -49.91 -2.93
C CYS A 158 -8.14 -49.02 -2.77
N LYS A 159 -9.15 -49.53 -2.07
CA LYS A 159 -10.33 -48.73 -1.79
C LYS A 159 -10.08 -47.78 -0.64
N ILE A 160 -10.53 -46.53 -0.83
CA ILE A 160 -10.21 -45.43 0.10
C ILE A 160 -10.65 -45.72 1.54
N ARG A 161 -11.75 -46.45 1.69
CA ARG A 161 -12.18 -46.92 3.00
C ARG A 161 -11.07 -47.59 3.80
N ASP A 162 -10.25 -48.41 3.14
CA ASP A 162 -9.22 -49.17 3.86
C ASP A 162 -8.02 -48.31 4.24
N LEU A 163 -7.97 -47.09 3.72
CA LEU A 163 -6.94 -46.16 4.12
C LEU A 163 -7.26 -45.46 5.45
N LEU A 164 -8.53 -45.44 5.82
CA LEU A 164 -8.98 -44.76 7.05
C LEU A 164 -8.25 -45.18 8.34
N PRO A 165 -8.07 -46.49 8.56
CA PRO A 165 -7.39 -46.88 9.80
C PRO A 165 -5.97 -46.34 9.93
N VAL A 166 -5.20 -46.35 8.85
CA VAL A 166 -3.87 -45.73 8.85
C VAL A 166 -3.91 -44.23 9.20
N MET A 167 -4.89 -43.52 8.64
CA MET A 167 -5.04 -42.09 8.91
C MET A 167 -5.33 -41.82 10.38
N CYS A 168 -6.20 -42.63 10.96
CA CYS A 168 -6.48 -42.50 12.40
C CYS A 168 -5.23 -42.80 13.21
N ASP A 169 -4.64 -43.95 12.89
CA ASP A 169 -3.46 -44.45 13.58
C ASP A 169 -2.34 -43.42 13.58
N ARG A 170 -2.26 -42.64 12.51
CA ARG A 170 -1.18 -41.67 12.42
C ARG A 170 -1.56 -40.34 13.03
N ALA A 171 -2.86 -40.01 13.03
CA ALA A 171 -3.28 -38.75 13.65
C ALA A 171 -3.35 -38.86 15.18
N GLY A 172 -3.82 -39.99 15.67
CA GLY A 172 -3.93 -40.19 17.10
C GLY A 172 -5.33 -40.61 17.50
N PHE A 173 -6.08 -41.10 16.53
CA PHE A 173 -7.51 -41.32 16.67
C PHE A 173 -7.85 -42.78 16.98
N ILE A 174 -8.96 -43.02 17.66
CA ILE A 174 -9.47 -44.38 17.83
C ILE A 174 -9.86 -44.87 16.44
N GLN A 175 -10.31 -46.12 16.30
CA GLN A 175 -10.71 -46.61 14.98
C GLN A 175 -12.18 -46.34 14.66
N ASP A 176 -12.96 -45.98 15.67
CA ASP A 176 -14.38 -45.69 15.47
C ASP A 176 -14.56 -44.31 14.84
N THR A 177 -13.46 -43.58 14.72
CA THR A 177 -13.53 -42.17 14.38
C THR A 177 -13.98 -41.92 12.94
N SER A 178 -15.06 -41.14 12.83
CA SER A 178 -15.65 -40.83 11.53
C SER A 178 -14.89 -39.67 10.87
N LEU A 179 -14.51 -39.83 9.60
CA LEU A 179 -13.61 -38.86 8.97
C LEU A 179 -14.16 -38.16 7.73
N ILE A 180 -13.66 -36.97 7.48
CA ILE A 180 -13.87 -36.27 6.21
C ILE A 180 -12.56 -36.22 5.48
N LEU A 181 -12.57 -36.63 4.22
CA LEU A 181 -11.36 -36.68 3.42
C LEU A 181 -11.41 -35.71 2.25
N TYR A 182 -10.38 -34.89 2.15
CA TYR A 182 -10.21 -33.92 1.06
C TYR A 182 -8.94 -34.25 0.31
N GLU A 183 -8.90 -33.99 -0.99
CA GLU A 183 -7.65 -34.01 -1.75
C GLU A 183 -7.13 -32.59 -1.85
N GLU A 184 -5.90 -32.37 -1.39
CA GLU A 184 -5.27 -31.07 -1.59
C GLU A 184 -4.75 -31.03 -3.03
N VAL A 185 -5.49 -30.40 -3.93
CA VAL A 185 -5.10 -30.48 -5.32
C VAL A 185 -4.02 -29.46 -5.64
N LYS A 186 -4.28 -28.23 -5.22
CA LYS A 186 -3.40 -27.09 -5.43
C LYS A 186 -3.98 -25.99 -4.57
N PRO A 187 -3.23 -24.88 -4.38
CA PRO A 187 -3.79 -23.76 -3.64
C PRO A 187 -5.13 -23.31 -4.21
N ASN A 188 -6.01 -22.92 -3.30
CA ASN A 188 -7.40 -22.64 -3.59
C ASN A 188 -8.15 -23.76 -4.32
N LEU A 189 -7.76 -25.02 -4.11
CA LEU A 189 -8.59 -26.14 -4.59
C LEU A 189 -8.44 -27.38 -3.72
N THR A 190 -9.43 -27.58 -2.85
CA THR A 190 -9.46 -28.64 -1.86
C THR A 190 -10.72 -29.47 -2.05
N GLU A 191 -10.58 -30.64 -2.65
CA GLU A 191 -11.74 -31.38 -3.15
C GLU A 191 -12.21 -32.51 -2.22
N ARG A 192 -13.43 -32.42 -1.71
CA ARG A 192 -13.98 -33.48 -0.85
C ARG A 192 -14.11 -34.77 -1.62
N ILE A 193 -13.66 -35.87 -1.00
CA ILE A 193 -13.86 -37.20 -1.53
C ILE A 193 -15.23 -37.68 -1.11
N GLN A 194 -16.20 -37.55 -2.00
CA GLN A 194 -17.59 -37.71 -1.61
C GLN A 194 -17.93 -39.14 -1.22
N ASP A 195 -17.09 -40.08 -1.67
CA ASP A 195 -17.41 -41.50 -1.56
C ASP A 195 -16.16 -42.35 -1.37
N TYR A 196 -16.08 -43.06 -0.23
CA TYR A 196 -14.86 -43.78 0.15
C TYR A 196 -14.86 -45.25 -0.28
N ASP A 197 -15.94 -45.71 -0.89
CA ASP A 197 -16.01 -47.11 -1.34
C ASP A 197 -15.62 -47.21 -2.80
N VAL A 198 -14.63 -46.40 -3.15
CA VAL A 198 -14.09 -46.30 -4.49
C VAL A 198 -12.59 -46.53 -4.45
N SER A 199 -12.04 -47.11 -5.50
CA SER A 199 -10.60 -47.28 -5.58
C SER A 199 -9.94 -45.91 -5.80
N LEU A 200 -8.74 -45.74 -5.27
CA LEU A 200 -7.96 -44.52 -5.50
C LEU A 200 -7.90 -44.12 -6.98
N ASP A 201 -7.55 -45.10 -7.82
CA ASP A 201 -7.51 -44.92 -9.26
C ASP A 201 -8.75 -44.23 -9.81
N LYS A 202 -9.93 -44.66 -9.37
CA LYS A 202 -11.18 -44.08 -9.88
C LYS A 202 -11.60 -42.81 -9.13
N ALA A 203 -11.33 -42.78 -7.84
CA ALA A 203 -11.81 -41.72 -6.97
C ALA A 203 -11.14 -40.38 -7.21
N LEU A 204 -9.90 -40.39 -7.69
CA LEU A 204 -9.14 -39.16 -7.89
C LEU A 204 -8.63 -38.97 -9.31
N ASP A 205 -9.01 -37.86 -9.93
CA ASP A 205 -8.56 -37.55 -11.28
C ASP A 205 -7.05 -37.36 -11.26
N GLU A 206 -6.37 -37.96 -12.25
CA GLU A 206 -4.92 -37.87 -12.40
C GLU A 206 -4.16 -38.29 -11.14
N LEU A 207 -4.43 -39.51 -10.67
CA LEU A 207 -3.74 -40.05 -9.48
C LEU A 207 -2.25 -40.12 -9.72
N MET A 208 -1.48 -39.71 -8.72
CA MET A 208 -0.08 -39.37 -8.93
C MET A 208 0.72 -39.53 -7.64
N ASP A 209 1.97 -39.97 -7.74
CA ASP A 209 2.83 -39.98 -6.57
C ASP A 209 2.98 -38.56 -6.08
N GLY A 210 2.99 -38.39 -4.77
CA GLY A 210 3.15 -37.09 -4.17
C GLY A 210 1.83 -36.38 -4.09
N ASP A 211 0.75 -37.13 -4.23
CA ASP A 211 -0.56 -36.53 -3.97
C ASP A 211 -0.84 -36.49 -2.47
N ILE A 212 -1.71 -35.55 -2.09
CA ILE A 212 -1.99 -35.23 -0.71
C ILE A 212 -3.44 -35.44 -0.34
N ILE A 213 -3.68 -36.28 0.66
CA ILE A 213 -4.99 -36.36 1.28
C ILE A 213 -4.98 -35.65 2.64
N VAL A 214 -5.90 -34.71 2.81
CA VAL A 214 -6.10 -34.01 4.07
C VAL A 214 -7.33 -34.58 4.71
N PHE A 215 -7.28 -34.91 6.00
CA PHE A 215 -8.48 -35.49 6.62
C PHE A 215 -8.75 -34.90 7.97
N GLN A 216 -10.01 -34.92 8.37
CA GLN A 216 -10.39 -34.37 9.66
C GLN A 216 -11.48 -35.17 10.34
N LYS A 217 -11.68 -34.95 11.64
CA LYS A 217 -12.80 -35.57 12.33
C LYS A 217 -14.11 -34.98 11.86
N ASP A 218 -15.13 -35.82 11.79
CA ASP A 218 -16.46 -35.34 11.45
C ASP A 218 -17.24 -35.11 12.74
N ASP A 219 -16.61 -34.41 13.69
CA ASP A 219 -17.28 -34.09 14.95
C ASP A 219 -18.08 -32.80 14.82
N PRO A 220 -19.34 -32.84 15.27
CA PRO A 220 -20.22 -31.68 15.32
C PRO A 220 -19.65 -30.53 16.12
N GLU A 221 -18.63 -30.78 16.94
CA GLU A 221 -17.90 -29.70 17.60
C GLU A 221 -17.23 -28.72 16.59
N ASN A 222 -16.71 -29.23 15.47
CA ASN A 222 -16.00 -28.41 14.47
C ASN A 222 -16.72 -27.14 14.03
N ASP A 223 -18.05 -27.13 14.13
CA ASP A 223 -18.83 -26.01 13.66
C ASP A 223 -18.60 -24.78 14.52
N ASN A 224 -17.90 -24.95 15.63
CA ASN A 224 -17.65 -23.83 16.53
C ASN A 224 -16.34 -23.14 16.22
N SER A 225 -15.56 -23.75 15.33
CA SER A 225 -14.32 -23.13 14.84
C SER A 225 -14.63 -22.08 13.80
N GLU A 226 -13.74 -21.10 13.65
CA GLU A 226 -13.95 -20.09 12.63
C GLU A 226 -13.63 -20.66 11.25
N LEU A 227 -13.08 -21.87 11.22
CA LEU A 227 -12.79 -22.59 9.98
C LEU A 227 -13.13 -24.07 10.10
N PRO A 228 -14.42 -24.43 10.02
CA PRO A 228 -14.85 -25.81 10.30
C PRO A 228 -14.18 -26.86 9.43
N THR A 229 -14.13 -26.69 8.11
CA THR A 229 -13.56 -27.73 7.24
C THR A 229 -12.19 -27.38 6.67
N ALA A 230 -11.48 -28.40 6.20
CA ALA A 230 -10.17 -28.18 5.60
C ALA A 230 -10.31 -27.28 4.38
N LYS A 231 -11.41 -27.44 3.64
CA LYS A 231 -11.67 -26.67 2.43
C LYS A 231 -11.71 -25.17 2.76
N GLU A 232 -12.39 -24.87 3.86
CA GLU A 232 -12.52 -23.51 4.35
C GLU A 232 -11.16 -23.04 4.85
N TYR A 233 -10.41 -23.95 5.45
CA TYR A 233 -9.08 -23.59 5.92
C TYR A 233 -8.19 -23.10 4.79
N PHE A 234 -8.06 -23.92 3.75
CA PHE A 234 -7.20 -23.63 2.61
C PHE A 234 -7.70 -22.42 1.81
N ARG A 235 -9.02 -22.30 1.68
CA ARG A 235 -9.57 -21.16 0.96
C ARG A 235 -9.24 -19.88 1.72
N ASP A 236 -9.30 -19.94 3.05
CA ASP A 236 -8.91 -18.81 3.88
C ASP A 236 -7.45 -18.47 3.66
N LEU A 237 -6.60 -19.49 3.81
CA LEU A 237 -5.17 -19.34 3.61
C LEU A 237 -4.81 -18.64 2.30
N TYR A 238 -5.52 -19.00 1.24
CA TYR A 238 -5.23 -18.52 -0.11
C TYR A 238 -5.36 -17.03 -0.24
N HIS A 239 -6.20 -16.43 0.60
CA HIS A 239 -6.44 -14.98 0.52
C HIS A 239 -5.84 -14.26 1.70
N ARG A 240 -5.30 -15.01 2.66
CA ARG A 240 -4.67 -14.37 3.80
C ARG A 240 -3.50 -13.54 3.32
N VAL A 241 -3.34 -12.35 3.86
CA VAL A 241 -2.17 -11.54 3.55
C VAL A 241 -1.83 -10.59 4.71
N ASP A 242 -0.59 -10.68 5.19
CA ASP A 242 -0.09 -9.84 6.27
C ASP A 242 0.47 -8.54 5.72
N VAL A 243 -0.02 -7.43 6.24
CA VAL A 243 0.39 -6.14 5.71
C VAL A 243 0.94 -5.19 6.77
N ILE A 244 2.10 -4.61 6.51
CA ILE A 244 2.66 -3.59 7.39
C ILE A 244 2.04 -2.24 7.11
N PHE A 245 1.44 -1.65 8.13
CA PHE A 245 0.88 -0.31 7.99
C PHE A 245 1.79 0.69 8.67
N CYS A 246 2.18 1.71 7.93
CA CYS A 246 3.17 2.67 8.38
C CYS A 246 2.61 4.08 8.29
N ASP A 247 2.71 4.79 9.41
CA ASP A 247 2.27 6.17 9.48
C ASP A 247 3.18 7.08 8.64
N LYS A 248 2.59 7.78 7.66
CA LYS A 248 3.36 8.68 6.79
C LYS A 248 3.68 10.01 7.48
N THR A 249 3.31 10.15 8.76
CA THR A 249 3.63 11.36 9.51
C THR A 249 5.00 11.20 10.17
N ILE A 250 5.31 9.99 10.62
CA ILE A 250 6.59 9.73 11.28
C ILE A 250 7.50 8.84 10.44
N PRO A 251 8.44 9.44 9.67
CA PRO A 251 9.43 8.70 8.89
C PRO A 251 10.20 7.69 9.73
N ASN A 252 10.69 6.64 9.08
CA ASN A 252 11.32 5.52 9.76
C ASN A 252 10.39 4.90 10.80
N ASP A 253 9.08 4.87 10.50
CA ASP A 253 8.13 4.17 11.35
C ASP A 253 8.25 2.68 11.06
N PRO A 254 8.47 1.88 12.11
CA PRO A 254 8.49 0.42 11.99
C PRO A 254 7.16 -0.12 11.49
N GLY A 255 6.08 0.56 11.86
CA GLY A 255 4.74 0.20 11.45
C GLY A 255 4.23 -1.04 12.17
N PHE A 256 2.98 -1.40 11.94
CA PHE A 256 2.45 -2.62 12.56
C PHE A 256 1.80 -3.56 11.54
N VAL A 257 1.92 -4.86 11.81
CA VAL A 257 1.47 -5.88 10.88
C VAL A 257 0.05 -6.30 11.18
N VAL A 258 -0.81 -6.15 10.17
CA VAL A 258 -2.23 -6.44 10.25
C VAL A 258 -2.54 -7.56 9.28
N THR A 259 -3.17 -8.62 9.77
CA THR A 259 -3.58 -9.72 8.90
C THR A 259 -4.91 -9.41 8.25
N LEU A 260 -4.95 -9.50 6.93
CA LEU A 260 -6.15 -9.19 6.18
C LEU A 260 -6.45 -10.22 5.10
N SER A 261 -7.43 -9.89 4.27
CA SER A 261 -7.82 -10.72 3.15
C SER A 261 -7.69 -9.98 1.81
N ASN A 262 -6.99 -10.64 0.88
CA ASN A 262 -7.07 -10.38 -0.54
C ASN A 262 -8.38 -9.78 -1.01
N ARG A 263 -9.45 -10.33 -0.48
CA ARG A 263 -10.81 -10.03 -0.91
C ARG A 263 -11.36 -8.67 -0.43
N MET A 264 -10.87 -8.20 0.71
CA MET A 264 -11.41 -6.99 1.35
C MET A 264 -11.42 -5.73 0.48
N ASN A 265 -12.49 -4.95 0.62
CA ASN A 265 -12.60 -3.63 0.01
C ASN A 265 -12.07 -2.53 0.92
N TYR A 266 -12.04 -1.29 0.45
CA TYR A 266 -11.55 -0.19 1.28
C TYR A 266 -12.26 -0.14 2.63
N PHE A 267 -13.59 -0.20 2.62
CA PHE A 267 -14.35 -0.09 3.88
C PHE A 267 -13.88 -1.11 4.93
N GLN A 268 -13.64 -2.34 4.48
CA GLN A 268 -13.23 -3.42 5.37
C GLN A 268 -11.80 -3.23 5.88
N VAL A 269 -10.89 -2.83 4.99
CA VAL A 269 -9.50 -2.59 5.39
C VAL A 269 -9.44 -1.50 6.43
N ALA A 270 -10.01 -0.34 6.09
CA ALA A 270 -10.07 0.79 7.00
C ALA A 270 -10.71 0.38 8.32
N LYS A 271 -11.83 -0.34 8.26
CA LYS A 271 -12.49 -0.81 9.49
C LYS A 271 -11.50 -1.59 10.35
N THR A 272 -10.71 -2.46 9.73
CA THR A 272 -9.77 -3.29 10.48
C THR A 272 -8.58 -2.51 11.04
N VAL A 273 -8.06 -1.53 10.31
CA VAL A 273 -6.90 -0.80 10.82
C VAL A 273 -7.36 0.29 11.79
N ALA A 274 -8.66 0.54 11.83
CA ALA A 274 -9.23 1.52 12.76
C ALA A 274 -9.25 0.97 14.19
N GLN A 275 -9.69 -0.27 14.37
CA GLN A 275 -9.33 -1.05 15.55
C GLN A 275 -7.82 -1.21 15.45
N ARG A 276 -7.14 -1.52 16.54
CA ARG A 276 -5.68 -1.56 16.59
C ARG A 276 -5.12 -0.13 16.65
N LEU A 277 -6.00 0.86 16.51
CA LEU A 277 -5.64 2.25 16.74
C LEU A 277 -6.64 2.89 17.71
N ASN A 278 -7.77 2.20 17.91
CA ASN A 278 -8.93 2.71 18.62
C ASN A 278 -9.24 4.11 18.12
N THR A 279 -9.22 4.26 16.80
CA THR A 279 -9.56 5.51 16.14
C THR A 279 -10.68 5.17 15.14
N ASP A 280 -11.46 6.16 14.72
CA ASP A 280 -12.53 5.91 13.76
C ASP A 280 -11.95 5.72 12.35
N PRO A 281 -12.54 4.80 11.56
CA PRO A 281 -12.06 4.57 10.20
C PRO A 281 -12.12 5.82 9.33
N MET A 282 -13.15 6.64 9.52
CA MET A 282 -13.27 7.89 8.77
C MET A 282 -12.22 8.90 9.18
N LEU A 283 -11.46 8.61 10.24
CA LEU A 283 -10.39 9.50 10.69
C LEU A 283 -9.04 8.94 10.29
N LEU A 284 -9.03 8.25 9.15
CA LEU A 284 -7.85 7.66 8.57
C LEU A 284 -7.81 7.94 7.10
N GLN A 285 -6.64 8.29 6.59
CA GLN A 285 -6.44 8.42 5.14
C GLN A 285 -5.33 7.48 4.66
N PHE A 286 -5.60 6.71 3.61
CA PHE A 286 -4.60 5.74 3.14
C PHE A 286 -3.94 6.22 1.88
N PHE A 287 -2.85 5.56 1.48
CA PHE A 287 -2.08 5.98 0.30
C PHE A 287 -1.73 4.82 -0.59
N LYS A 288 -1.82 5.01 -1.91
CA LYS A 288 -1.48 3.94 -2.85
C LYS A 288 -0.01 3.61 -2.75
N SER A 289 0.44 2.56 -3.43
CA SER A 289 1.84 2.17 -3.25
C SER A 289 2.55 1.81 -4.55
N GLN A 290 3.83 1.49 -4.41
CA GLN A 290 4.67 0.99 -5.51
C GLN A 290 5.29 -0.37 -5.15
N GLY A 291 5.98 -0.46 -4.01
CA GLY A 291 6.52 -1.73 -3.56
C GLY A 291 8.02 -1.85 -3.55
N TYR A 292 8.64 -1.55 -4.70
CA TYR A 292 10.09 -1.42 -4.78
C TYR A 292 10.47 0.05 -4.70
N ARG A 293 9.78 0.88 -5.49
CA ARG A 293 10.01 2.32 -5.53
C ARG A 293 9.76 2.99 -4.17
N ASP A 294 9.06 2.27 -3.29
CA ASP A 294 8.78 2.69 -1.91
C ASP A 294 7.96 3.98 -1.85
N GLY A 295 6.68 3.83 -1.52
CA GLY A 295 5.77 4.97 -1.39
C GLY A 295 6.06 5.80 -0.15
N PRO A 296 5.03 6.41 0.43
CA PRO A 296 3.61 6.39 0.05
C PRO A 296 3.31 7.05 -1.28
N GLY A 297 2.53 6.38 -2.12
CA GLY A 297 2.09 6.96 -3.37
C GLY A 297 1.00 7.98 -3.16
N ASN A 298 0.04 8.03 -4.08
CA ASN A 298 -1.04 9.00 -3.99
C ASN A 298 -2.11 8.63 -2.96
N PRO A 299 -2.66 9.66 -2.30
CA PRO A 299 -3.84 9.50 -1.46
C PRO A 299 -4.90 8.70 -2.17
N LEU A 300 -5.40 7.68 -1.49
CA LEU A 300 -6.40 6.77 -1.99
C LEU A 300 -7.76 7.27 -1.57
N ARG A 301 -8.68 7.46 -2.52
CA ARG A 301 -9.98 8.07 -2.23
C ARG A 301 -10.87 7.12 -1.43
N HIS A 302 -11.73 7.67 -0.57
CA HIS A 302 -12.61 6.83 0.24
C HIS A 302 -13.64 6.11 -0.62
N ASN A 303 -14.00 6.73 -1.74
CA ASN A 303 -14.93 6.12 -2.68
C ASN A 303 -14.28 4.98 -3.48
N TYR A 304 -13.05 4.63 -3.12
CA TYR A 304 -12.30 3.58 -3.82
C TYR A 304 -13.07 2.27 -3.85
N GLU A 305 -12.92 1.52 -4.94
CA GLU A 305 -13.80 0.39 -5.17
C GLU A 305 -13.06 -0.88 -5.50
N GLY A 306 -11.73 -0.84 -5.46
CA GLY A 306 -10.91 -2.02 -5.66
C GLY A 306 -10.79 -2.84 -4.38
N THR A 307 -10.18 -4.02 -4.50
CA THR A 307 -9.92 -4.85 -3.33
C THR A 307 -8.48 -4.62 -2.87
N LEU A 308 -8.12 -5.25 -1.74
CA LEU A 308 -6.78 -5.17 -1.20
C LEU A 308 -5.76 -5.83 -2.12
N ARG A 309 -6.18 -6.89 -2.80
CA ARG A 309 -5.32 -7.56 -3.76
C ARG A 309 -4.91 -6.58 -4.84
N ASP A 310 -5.80 -5.66 -5.16
CA ASP A 310 -5.55 -4.65 -6.18
C ASP A 310 -4.50 -3.64 -5.75
N LEU A 311 -4.46 -3.31 -4.47
CA LEU A 311 -3.48 -2.36 -3.97
C LEU A 311 -2.10 -2.98 -3.86
N LEU A 312 -2.07 -4.30 -3.76
CA LEU A 312 -0.80 -4.99 -3.57
C LEU A 312 -0.39 -5.75 -4.82
N GLN A 313 -0.87 -5.32 -5.97
CA GLN A 313 -0.56 -6.00 -7.23
C GLN A 313 0.83 -5.62 -7.73
N PHE A 314 1.41 -4.57 -7.14
CA PHE A 314 2.73 -4.13 -7.54
C PHE A 314 3.80 -4.74 -6.65
N PHE A 315 3.38 -5.59 -5.73
CA PHE A 315 4.35 -6.35 -4.96
C PHE A 315 4.61 -7.71 -5.63
N LYS A 316 5.88 -8.06 -5.72
CA LYS A 316 6.26 -9.43 -6.04
C LYS A 316 6.09 -10.24 -4.77
N PRO A 317 5.84 -11.55 -4.89
CA PRO A 317 5.58 -12.38 -3.70
C PRO A 317 6.67 -12.27 -2.63
N ARG A 318 7.90 -11.97 -3.04
CA ARG A 318 9.03 -11.86 -2.11
C ARG A 318 8.89 -10.68 -1.15
N GLN A 319 8.63 -9.49 -1.67
CA GLN A 319 8.55 -8.29 -0.84
C GLN A 319 7.48 -8.40 0.23
N PRO A 320 7.79 -7.91 1.44
CA PRO A 320 6.76 -7.75 2.46
C PRO A 320 5.82 -6.60 2.11
N LYS A 321 4.52 -6.84 2.26
CA LYS A 321 3.50 -5.86 1.87
C LYS A 321 3.42 -4.72 2.88
N LYS A 322 3.61 -3.49 2.40
CA LYS A 322 3.56 -2.33 3.28
C LYS A 322 2.70 -1.21 2.67
N LEU A 323 1.71 -0.76 3.43
CA LEU A 323 0.83 0.32 3.02
C LEU A 323 0.96 1.50 3.96
N TYR A 324 0.98 2.71 3.42
CA TYR A 324 1.11 3.87 4.28
C TYR A 324 -0.24 4.50 4.58
N TYR A 325 -0.34 5.11 5.75
CA TYR A 325 -1.57 5.76 6.18
C TYR A 325 -1.24 7.01 6.98
N GLN A 326 -2.26 7.79 7.30
CA GLN A 326 -2.10 9.01 8.06
C GLN A 326 -3.33 9.20 8.91
N GLN A 327 -3.12 9.53 10.18
CA GLN A 327 -4.24 9.82 11.08
C GLN A 327 -4.85 11.20 10.78
N LEU A 328 -6.18 11.29 10.84
CA LEU A 328 -6.86 12.55 10.53
C LEU A 328 -7.45 13.25 11.75
N LYS A 329 -7.72 14.54 11.57
CA LYS A 329 -8.38 15.33 12.59
C LYS A 329 -9.86 15.59 12.22
N MET A 330 -10.17 15.62 10.92
CA MET A 330 -11.58 15.64 10.50
C MET A 330 -11.98 14.36 9.73
N LYS A 331 -13.28 14.20 9.44
CA LYS A 331 -13.76 13.06 8.63
C LYS A 331 -13.04 13.05 7.29
N ILE A 332 -12.65 11.86 6.85
CA ILE A 332 -11.89 11.67 5.63
C ILE A 332 -12.50 12.41 4.42
N THR A 333 -13.82 12.45 4.37
CA THR A 333 -14.50 13.01 3.23
C THR A 333 -14.37 14.54 3.22
N ASP A 334 -14.46 15.15 4.41
CA ASP A 334 -14.19 16.57 4.60
C ASP A 334 -12.78 16.95 4.19
N PHE A 335 -11.81 16.25 4.76
CA PHE A 335 -10.39 16.37 4.41
C PHE A 335 -10.14 16.30 2.90
N GLU A 336 -10.80 15.35 2.24
CA GLU A 336 -10.69 15.19 0.79
C GLU A 336 -11.29 16.38 0.05
N ASN A 337 -12.35 16.96 0.61
CA ASN A 337 -12.99 18.11 -0.06
C ASN A 337 -12.36 19.48 0.25
N ARG A 338 -11.22 19.48 0.93
CA ARG A 338 -10.43 20.69 1.12
C ARG A 338 -9.87 21.16 -0.21
N ARG A 339 -9.68 22.47 -0.33
CA ARG A 339 -9.02 23.05 -1.49
C ARG A 339 -7.73 23.74 -1.06
N SER A 340 -6.69 23.58 -1.86
CA SER A 340 -5.46 24.32 -1.66
C SER A 340 -5.65 25.75 -2.14
N PHE A 341 -5.33 26.69 -1.28
CA PHE A 341 -5.46 28.09 -1.62
C PHE A 341 -4.22 28.85 -1.23
N LYS A 342 -3.32 29.03 -2.19
CA LYS A 342 -2.11 29.80 -1.95
C LYS A 342 -2.45 31.27 -2.03
N CYS A 343 -1.99 32.04 -1.06
CA CYS A 343 -2.26 33.48 -1.07
C CYS A 343 -1.26 34.17 -0.18
N ILE A 344 -1.45 35.48 -0.01
CA ILE A 344 -0.52 36.29 0.78
C ILE A 344 -1.17 36.77 2.04
N TRP A 345 -0.49 36.58 3.16
CA TRP A 345 -0.93 37.18 4.42
C TRP A 345 -0.17 38.48 4.64
N LEU A 346 -0.90 39.54 4.98
CA LEU A 346 -0.29 40.83 5.32
C LEU A 346 -0.35 41.11 6.84
N ASN A 347 0.71 40.74 7.56
CA ASN A 347 0.71 40.80 9.02
C ASN A 347 0.47 42.19 9.60
N SER A 348 0.30 42.26 10.92
CA SER A 348 0.12 43.52 11.63
C SER A 348 1.26 44.51 11.38
N GLN A 349 2.44 43.98 11.10
CA GLN A 349 3.64 44.75 10.89
C GLN A 349 3.74 45.24 9.44
N PHE A 350 2.66 45.05 8.69
CA PHE A 350 2.55 45.45 7.28
C PHE A 350 3.64 44.83 6.38
N ARG A 351 3.86 43.54 6.49
CA ARG A 351 4.77 42.86 5.59
C ARG A 351 4.12 41.62 5.01
N GLU A 352 4.71 41.07 3.96
CA GLU A 352 4.04 39.99 3.25
C GLU A 352 4.62 38.62 3.56
N GLU A 353 3.74 37.64 3.73
CA GLU A 353 4.16 36.26 3.89
C GLU A 353 3.35 35.35 2.97
N GLU A 354 4.00 34.36 2.37
CA GLU A 354 3.29 33.40 1.55
C GLU A 354 2.65 32.32 2.44
N ILE A 355 1.34 32.13 2.31
CA ILE A 355 0.63 31.15 3.14
C ILE A 355 -0.35 30.30 2.32
N THR A 356 -0.46 29.02 2.66
CA THR A 356 -1.43 28.18 1.97
C THR A 356 -2.52 27.70 2.92
N LEU A 357 -3.76 28.07 2.61
CA LEU A 357 -4.87 27.71 3.45
C LEU A 357 -5.68 26.62 2.78
N TYR A 358 -6.41 25.85 3.56
CA TYR A 358 -7.18 24.76 2.99
C TYR A 358 -8.62 24.85 3.43
N PRO A 359 -9.36 25.81 2.87
CA PRO A 359 -10.80 25.86 3.16
C PRO A 359 -11.52 24.79 2.36
N ASP A 360 -12.83 24.67 2.54
CA ASP A 360 -13.60 23.66 1.83
C ASP A 360 -13.88 24.10 0.41
N LYS A 361 -13.75 23.17 -0.53
CA LYS A 361 -14.08 23.39 -1.94
C LYS A 361 -15.40 24.19 -2.12
N HIS A 362 -16.45 23.79 -1.38
CA HIS A 362 -17.76 24.44 -1.47
C HIS A 362 -17.82 25.60 -0.53
N GLY A 363 -16.67 26.13 -0.16
CA GLY A 363 -16.62 27.21 0.78
C GLY A 363 -16.77 28.55 0.11
N CYS A 364 -16.99 29.58 0.93
CA CYS A 364 -17.03 30.94 0.47
C CYS A 364 -15.87 31.71 1.12
N VAL A 365 -15.77 33.00 0.82
CA VAL A 365 -14.65 33.81 1.30
C VAL A 365 -14.57 33.85 2.83
N ARG A 366 -15.72 33.95 3.48
CA ARG A 366 -15.80 33.92 4.94
C ARG A 366 -14.98 32.77 5.49
N ASP A 367 -15.13 31.60 4.86
CA ASP A 367 -14.45 30.40 5.30
C ASP A 367 -12.93 30.52 5.16
N LEU A 368 -12.48 31.05 4.02
CA LEU A 368 -11.04 31.28 3.79
C LEU A 368 -10.47 32.23 4.84
N LEU A 369 -11.22 33.28 5.16
CA LEU A 369 -10.85 34.18 6.24
C LEU A 369 -10.73 33.46 7.59
N GLU A 370 -11.76 32.69 7.95
CA GLU A 370 -11.73 31.94 9.20
C GLU A 370 -10.50 31.04 9.27
N GLU A 371 -10.19 30.37 8.17
CA GLU A 371 -9.01 29.53 8.12
C GLU A 371 -7.75 30.34 8.35
N CYS A 372 -7.64 31.49 7.68
CA CYS A 372 -6.44 32.32 7.87
C CYS A 372 -6.28 32.81 9.31
N LYS A 373 -7.38 33.21 9.95
CA LYS A 373 -7.31 33.74 11.31
C LYS A 373 -6.72 32.72 12.27
N LYS A 374 -6.76 31.45 11.87
CA LYS A 374 -6.19 30.38 12.68
C LYS A 374 -4.68 30.28 12.61
N ALA A 375 -4.10 30.64 11.46
CA ALA A 375 -2.66 30.49 11.27
C ALA A 375 -1.84 31.71 11.73
N VAL A 376 -2.51 32.79 12.14
CA VAL A 376 -1.80 34.05 12.35
C VAL A 376 -2.10 34.78 13.65
N GLU A 377 -1.07 35.40 14.24
CA GLU A 377 -1.29 36.31 15.36
C GLU A 377 -1.69 37.65 14.78
N LEU A 378 -2.76 38.24 15.30
CA LEU A 378 -3.34 39.41 14.66
C LEU A 378 -2.94 40.78 15.19
N GLY A 379 -1.80 40.91 15.85
CA GLY A 379 -1.41 42.21 16.40
C GLY A 379 -2.34 42.73 17.49
N GLU A 380 -1.75 43.33 18.53
CA GLU A 380 -2.48 43.62 19.76
C GLU A 380 -3.29 44.91 19.71
N LYS A 381 -4.49 44.86 20.28
CA LYS A 381 -5.41 46.00 20.35
C LYS A 381 -5.85 46.45 18.95
N ALA A 382 -5.83 45.50 18.01
CA ALA A 382 -6.27 45.76 16.65
C ALA A 382 -7.77 45.57 16.51
N SER A 383 -8.21 45.32 15.29
CA SER A 383 -9.65 45.25 15.00
C SER A 383 -10.22 43.84 15.02
N GLY A 384 -9.41 42.85 14.60
CA GLY A 384 -9.81 41.46 14.62
C GLY A 384 -10.63 41.00 13.43
N LYS A 385 -10.72 41.85 12.42
CA LYS A 385 -11.51 41.54 11.23
C LYS A 385 -10.63 41.48 9.98
N LEU A 386 -10.82 40.42 9.19
CA LEU A 386 -10.00 40.22 7.99
C LEU A 386 -10.77 40.56 6.72
N ARG A 387 -10.04 40.94 5.68
CA ARG A 387 -10.62 41.13 4.36
C ARG A 387 -9.73 40.49 3.29
N LEU A 388 -10.35 40.21 2.15
CA LEU A 388 -9.66 39.59 1.02
C LEU A 388 -9.62 40.52 -0.21
N LEU A 389 -8.40 40.75 -0.73
CA LEU A 389 -8.23 41.59 -1.91
C LEU A 389 -7.74 40.80 -3.09
N GLU A 390 -8.20 41.18 -4.28
CA GLU A 390 -7.68 40.64 -5.52
C GLU A 390 -6.77 41.68 -6.15
N ILE A 391 -5.55 41.27 -6.44
CA ILE A 391 -4.47 42.17 -6.84
C ILE A 391 -3.80 41.78 -8.16
N VAL A 392 -3.62 42.77 -9.04
CA VAL A 392 -2.91 42.56 -10.28
C VAL A 392 -1.92 43.70 -10.51
N SER A 393 -0.70 43.37 -10.89
CA SER A 393 0.30 44.37 -11.22
C SER A 393 0.47 45.35 -10.09
N TYR A 394 0.45 44.82 -8.87
CA TYR A 394 0.72 45.61 -7.67
C TYR A 394 -0.35 46.69 -7.51
N LYS A 395 -1.51 46.44 -8.11
CA LYS A 395 -2.72 47.25 -7.97
C LYS A 395 -3.87 46.41 -7.38
N ILE A 396 -4.60 46.97 -6.43
CA ILE A 396 -5.80 46.31 -5.91
C ILE A 396 -6.97 46.45 -6.87
N ILE A 397 -7.27 45.39 -7.60
CA ILE A 397 -8.38 45.47 -8.53
C ILE A 397 -9.68 45.02 -7.86
N GLY A 398 -9.60 44.63 -6.59
CA GLY A 398 -10.85 44.31 -5.92
C GLY A 398 -10.84 43.93 -4.45
N VAL A 399 -12.01 44.01 -3.84
CA VAL A 399 -12.22 43.52 -2.48
C VAL A 399 -13.43 42.60 -2.44
N HIS A 400 -13.24 41.37 -2.00
CA HIS A 400 -14.32 40.40 -2.14
C HIS A 400 -15.20 40.33 -0.91
N GLN A 401 -16.48 40.13 -1.16
CA GLN A 401 -17.45 40.02 -0.08
C GLN A 401 -17.42 38.61 0.45
N GLU A 402 -17.76 38.48 1.72
CA GLU A 402 -17.65 37.20 2.39
C GLU A 402 -18.61 36.18 1.78
N ASP A 403 -19.75 36.66 1.31
CA ASP A 403 -20.78 35.86 0.64
C ASP A 403 -20.23 34.99 -0.48
N GLU A 404 -19.25 35.53 -1.18
CA GLU A 404 -18.81 34.98 -2.47
C GLU A 404 -18.18 33.62 -2.33
N LEU A 405 -18.68 32.67 -3.12
CA LEU A 405 -18.10 31.32 -3.14
C LEU A 405 -16.68 31.30 -3.69
N LEU A 406 -15.80 30.55 -3.04
CA LEU A 406 -14.41 30.47 -3.47
C LEU A 406 -14.34 29.93 -4.89
N GLU A 407 -15.38 29.20 -5.27
CA GLU A 407 -15.54 28.63 -6.59
C GLU A 407 -15.43 29.68 -7.69
N CYS A 408 -15.85 30.90 -7.39
CA CYS A 408 -15.92 31.95 -8.41
C CYS A 408 -14.57 32.61 -8.70
N LEU A 409 -13.73 32.73 -7.67
CA LEU A 409 -12.45 33.39 -7.78
C LEU A 409 -11.54 32.83 -8.88
N SER A 410 -10.86 33.73 -9.60
CA SER A 410 -10.00 33.34 -10.71
C SER A 410 -8.85 32.40 -10.33
N PRO A 411 -8.71 31.29 -11.08
CA PRO A 411 -7.57 30.39 -11.00
C PRO A 411 -6.31 31.02 -11.60
N ALA A 412 -6.50 32.17 -12.22
CA ALA A 412 -5.41 32.86 -12.91
C ALA A 412 -4.32 33.23 -11.93
N THR A 413 -3.09 33.23 -12.42
CA THR A 413 -1.92 33.35 -11.57
C THR A 413 -1.27 34.72 -11.73
N SER A 414 -1.86 35.51 -12.62
CA SER A 414 -1.58 36.93 -12.70
C SER A 414 -2.27 37.61 -11.52
N ARG A 415 -3.33 36.96 -11.06
CA ARG A 415 -4.12 37.43 -9.94
C ARG A 415 -3.50 36.93 -8.65
N THR A 416 -3.60 37.76 -7.61
CA THR A 416 -2.98 37.48 -6.34
C THR A 416 -3.95 37.85 -5.25
N PHE A 417 -4.28 36.89 -4.41
CA PHE A 417 -5.21 37.15 -3.32
C PHE A 417 -4.45 37.48 -2.04
N ARG A 418 -4.86 38.56 -1.39
CA ARG A 418 -4.21 38.97 -0.16
C ARG A 418 -5.23 39.04 0.98
N ILE A 419 -4.87 38.49 2.13
CA ILE A 419 -5.70 38.58 3.32
C ILE A 419 -5.04 39.53 4.31
N GLU A 420 -5.82 40.46 4.83
CA GLU A 420 -5.25 41.45 5.74
C GLU A 420 -6.20 41.81 6.86
N GLU A 421 -5.65 42.21 8.00
CA GLU A 421 -6.49 42.75 9.04
C GLU A 421 -6.92 44.17 8.70
N ILE A 422 -8.18 44.47 8.96
CA ILE A 422 -8.70 45.80 8.67
C ILE A 422 -8.31 46.77 9.76
N PRO A 423 -7.66 47.89 9.39
CA PRO A 423 -7.29 48.88 10.40
C PRO A 423 -8.53 49.43 11.09
N LEU A 424 -8.34 49.99 12.29
CA LEU A 424 -9.49 50.30 13.14
C LEU A 424 -10.39 51.36 12.52
N ASP A 425 -9.79 52.44 12.02
CA ASP A 425 -10.55 53.51 11.34
C ASP A 425 -11.49 53.01 10.24
N GLN A 426 -11.10 51.93 9.57
CA GLN A 426 -11.78 51.49 8.36
C GLN A 426 -12.88 50.45 8.59
N VAL A 427 -13.84 50.74 9.46
CA VAL A 427 -15.01 49.88 9.60
C VAL A 427 -16.19 50.66 10.21
N ASP A 428 -15.89 51.63 11.06
CA ASP A 428 -16.89 52.64 11.43
C ASP A 428 -16.71 53.83 10.51
N ILE A 429 -16.67 53.56 9.20
CA ILE A 429 -16.50 54.61 8.19
C ILE A 429 -17.84 55.07 7.60
N ASP A 430 -18.01 56.39 7.49
CA ASP A 430 -19.25 57.04 7.03
C ASP A 430 -19.59 56.72 5.58
N GLU A 432 -19.91 59.43 2.52
CA GLU A 432 -20.26 60.84 2.63
C GLU A 432 -19.45 61.50 3.74
N ASN A 433 -18.33 62.11 3.33
CA ASN A 433 -17.25 62.70 4.15
C ASN A 433 -16.11 61.71 4.20
N GLU A 434 -16.48 60.43 4.10
CA GLU A 434 -15.56 59.30 4.15
C GLU A 434 -15.74 58.32 2.97
N MET A 435 -14.63 57.84 2.40
CA MET A 435 -14.66 56.67 1.52
C MET A 435 -13.30 55.97 1.51
N LEU A 436 -13.26 54.73 1.03
CA LEU A 436 -12.01 53.97 0.91
C LEU A 436 -11.47 53.99 -0.53
N VAL A 437 -10.19 54.31 -0.69
CA VAL A 437 -9.58 54.30 -2.03
C VAL A 437 -8.38 53.38 -2.17
N THR A 438 -8.17 52.92 -3.39
CA THR A 438 -7.06 52.06 -3.74
C THR A 438 -5.79 52.88 -4.00
N VAL A 439 -4.64 52.37 -3.56
CA VAL A 439 -3.35 53.07 -3.70
C VAL A 439 -2.23 52.13 -4.19
N ALA A 440 -1.27 52.66 -4.95
CA ALA A 440 -0.16 51.85 -5.47
C ALA A 440 1.05 52.71 -5.85
N HIS A 441 2.26 52.12 -5.74
CA HIS A 441 3.50 52.77 -6.19
C HIS A 441 3.65 52.65 -7.69
N PHE A 442 4.35 53.59 -8.30
CA PHE A 442 4.74 53.47 -9.71
C PHE A 442 5.96 54.33 -9.98
N HIS A 443 6.80 53.90 -10.92
CA HIS A 443 7.99 54.66 -11.31
C HIS A 443 7.81 55.23 -12.70
N LYS A 444 8.05 56.53 -12.84
CA LYS A 444 7.92 57.29 -14.10
C LYS A 444 6.49 57.28 -14.65
N GLU A 445 6.21 56.40 -15.62
CA GLU A 445 4.86 56.29 -16.17
C GLU A 445 3.98 55.41 -15.28
N VAL A 446 2.67 55.59 -15.41
CA VAL A 446 1.74 55.12 -14.39
C VAL A 446 1.56 53.60 -14.39
N PHE A 447 2.02 52.94 -15.44
CA PHE A 447 1.84 51.48 -15.57
C PHE A 447 3.08 50.73 -15.11
N GLY A 448 4.07 51.47 -14.61
CA GLY A 448 5.29 50.89 -14.08
C GLY A 448 5.14 50.70 -12.59
N THR A 449 4.00 50.11 -12.20
CA THR A 449 3.66 49.86 -10.81
C THR A 449 4.53 48.78 -10.12
N PHE A 450 4.75 48.95 -8.83
CA PHE A 450 5.54 48.00 -8.05
C PHE A 450 5.15 48.04 -6.58
N GLY A 451 5.81 47.22 -5.77
CA GLY A 451 5.60 47.20 -4.33
C GLY A 451 4.22 46.78 -3.88
N ILE A 452 3.76 47.32 -2.75
CA ILE A 452 2.54 46.87 -2.10
C ILE A 452 1.36 47.87 -2.12
N PRO A 453 0.30 47.54 -2.87
CA PRO A 453 -0.86 48.42 -2.87
C PRO A 453 -1.56 48.46 -1.51
N PHE A 454 -2.50 49.39 -1.31
CA PHE A 454 -3.26 49.41 -0.06
C PHE A 454 -4.52 50.28 -0.13
N LEU A 455 -5.43 50.06 0.82
CA LEU A 455 -6.65 50.85 0.92
C LEU A 455 -6.48 51.98 1.93
N LEU A 456 -7.13 53.12 1.68
CA LEU A 456 -6.95 54.30 2.54
C LEU A 456 -8.22 55.15 2.70
N ARG A 457 -8.26 55.96 3.76
CA ARG A 457 -9.37 56.88 4.06
C ARG A 457 -9.39 58.15 3.22
N ILE A 458 -10.39 58.29 2.36
CA ILE A 458 -10.63 59.55 1.65
C ILE A 458 -11.95 60.14 2.12
N GLY A 461 -11.78 64.16 2.84
CA GLY A 461 -11.20 64.79 1.66
C GLY A 461 -11.01 66.29 1.85
N GLU A 462 -10.47 66.64 3.00
CA GLU A 462 -10.40 68.02 3.39
C GLU A 462 -8.98 68.53 3.68
N HIS A 463 -7.99 68.02 2.96
CA HIS A 463 -6.59 68.45 3.16
C HIS A 463 -5.60 67.78 2.21
N PHE A 464 -4.32 67.84 2.55
CA PHE A 464 -3.34 66.88 2.05
C PHE A 464 -2.25 66.60 3.08
N ARG A 465 -1.23 67.46 3.12
CA ARG A 465 0.11 67.16 3.70
C ARG A 465 0.12 66.12 4.84
N GLU A 466 -0.92 66.13 5.67
CA GLU A 466 -1.09 65.13 6.73
C GLU A 466 -1.38 63.73 6.15
N VAL A 467 -1.96 63.68 4.95
CA VAL A 467 -2.08 62.42 4.22
C VAL A 467 -0.69 61.90 3.96
N MET A 468 0.14 62.73 3.35
CA MET A 468 1.54 62.39 3.10
C MET A 468 2.25 61.93 4.38
N LYS A 469 1.93 62.58 5.50
CA LYS A 469 2.53 62.23 6.79
C LYS A 469 2.03 60.89 7.36
N ARG A 470 0.76 60.55 7.11
CA ARG A 470 0.17 59.31 7.63
C ARG A 470 0.58 58.12 6.78
N ILE A 471 0.73 58.39 5.48
CA ILE A 471 1.20 57.42 4.52
C ILE A 471 2.67 57.20 4.85
N GLN A 472 3.33 58.26 5.31
CA GLN A 472 4.71 58.15 5.81
C GLN A 472 4.75 57.22 7.02
N SER A 473 3.86 57.47 7.98
CA SER A 473 3.74 56.64 9.18
C SER A 473 3.52 55.16 8.84
N LEU A 474 2.66 54.90 7.85
CA LEU A 474 2.34 53.53 7.43
C LEU A 474 3.50 52.85 6.71
N LEU A 475 4.03 53.55 5.70
CA LEU A 475 5.13 53.03 4.90
C LEU A 475 6.40 52.94 5.75
N ASP A 476 6.58 53.95 6.62
CA ASP A 476 7.74 54.06 7.53
C ASP A 476 9.07 54.20 6.79
N ILE A 477 9.11 55.09 5.80
CA ILE A 477 10.35 55.41 5.09
C ILE A 477 11.18 56.45 5.88
N GLN A 478 11.96 57.25 5.17
CA GLN A 478 12.77 58.29 5.80
C GLN A 478 12.96 59.45 4.82
N PHE A 482 12.23 59.75 0.93
CA PHE A 482 10.80 59.99 0.78
C PHE A 482 10.51 61.46 0.54
N GLU A 483 11.47 62.32 0.89
CA GLU A 483 11.36 63.75 0.63
C GLU A 483 10.96 64.00 -0.82
N LYS A 484 11.38 63.11 -1.72
CA LYS A 484 10.96 63.11 -3.12
C LYS A 484 9.51 62.66 -3.25
N PHE A 485 9.29 61.71 -4.15
CA PHE A 485 7.99 61.07 -4.35
C PHE A 485 6.88 62.03 -4.77
N LYS A 486 6.53 62.05 -6.06
CA LYS A 486 5.38 62.83 -6.51
C LYS A 486 4.09 62.05 -6.24
N PHE A 487 2.94 62.70 -6.38
CA PHE A 487 1.65 62.11 -6.01
C PHE A 487 0.60 62.33 -7.10
N ALA A 488 -0.09 61.29 -7.56
CA ALA A 488 -1.02 61.49 -8.69
C ALA A 488 -2.36 60.78 -8.57
N ILE A 489 -3.41 61.43 -9.05
CA ILE A 489 -4.70 60.75 -9.22
C ILE A 489 -4.62 60.12 -10.59
N VAL A 490 -5.05 58.86 -10.69
CA VAL A 490 -4.98 58.11 -11.95
C VAL A 490 -6.35 57.63 -12.36
N MET A 491 -6.85 58.15 -13.49
CA MET A 491 -8.13 57.67 -14.00
C MET A 491 -7.98 57.11 -15.40
N MET A 492 -9.09 56.99 -16.12
CA MET A 492 -9.06 56.44 -17.46
C MET A 492 -8.11 57.27 -18.32
N GLY A 493 -7.29 56.60 -19.12
CA GLY A 493 -6.26 57.20 -19.96
C GLY A 493 -5.67 58.55 -19.56
N ARG A 494 -5.45 58.78 -18.27
CA ARG A 494 -5.02 60.10 -17.82
C ARG A 494 -4.63 60.08 -16.34
N HIS A 495 -3.76 61.01 -15.93
CA HIS A 495 -3.37 61.11 -14.53
C HIS A 495 -2.89 62.52 -14.14
N GLN A 496 -3.51 63.14 -13.15
CA GLN A 496 -3.01 64.45 -12.72
C GLN A 496 -2.23 64.40 -11.43
N TYR A 497 -1.04 64.98 -11.43
CA TYR A 497 -0.24 65.04 -10.21
C TYR A 497 -0.89 65.98 -9.21
N ILE A 498 -0.44 65.89 -7.95
CA ILE A 498 -1.06 66.64 -6.87
C ILE A 498 -0.05 67.55 -6.19
N ASN A 499 -0.41 68.83 -6.06
CA ASN A 499 0.43 69.83 -5.37
C ASN A 499 0.52 69.54 -3.88
N GLU A 500 1.63 68.96 -3.44
CA GLU A 500 1.75 68.48 -2.07
C GLU A 500 1.97 69.62 -1.05
N ASP A 501 1.97 70.85 -1.52
CA ASP A 501 2.00 72.01 -0.64
C ASP A 501 0.62 72.69 -0.62
N GLU A 502 0.01 72.81 -1.79
CA GLU A 502 -1.25 73.56 -1.94
C GLU A 502 -2.51 72.69 -2.08
N TYR A 503 -2.42 71.60 -2.83
CA TYR A 503 -3.59 70.77 -3.08
C TYR A 503 -4.23 70.30 -1.79
N GLU A 504 -5.57 70.28 -1.78
CA GLU A 504 -6.34 69.75 -0.66
C GLU A 504 -7.74 69.34 -1.15
N ASN A 506 -9.52 66.50 -0.82
CA ASN A 506 -9.89 66.59 -2.23
C ASN A 506 -11.39 66.67 -2.39
N LEU A 507 -12.01 65.51 -2.59
CA LEU A 507 -13.44 65.36 -2.76
C LEU A 507 -13.70 63.89 -3.09
N LYS A 508 -14.58 63.67 -4.05
CA LYS A 508 -14.78 62.35 -4.62
C LYS A 508 -14.44 62.47 -6.09
N ASP A 509 -13.28 63.09 -6.35
CA ASP A 509 -12.58 62.97 -7.61
C ASP A 509 -12.48 61.49 -8.00
N PHE A 510 -12.15 60.66 -7.02
CA PHE A 510 -11.95 59.22 -7.20
C PHE A 510 -13.25 58.48 -7.35
N GLU A 511 -13.77 58.49 -8.57
CA GLU A 511 -14.95 57.73 -8.94
C GLU A 511 -15.14 57.92 -10.44
N PRO A 512 -15.81 56.96 -11.08
CA PRO A 512 -16.09 57.15 -12.50
C PRO A 512 -16.88 58.42 -12.79
N GLN A 513 -16.30 59.34 -13.56
CA GLN A 513 -17.11 60.38 -14.17
C GLN A 513 -18.17 59.64 -14.98
N PRO A 514 -19.41 60.16 -14.97
CA PRO A 514 -20.53 59.36 -15.52
C PRO A 514 -20.41 59.14 -17.03
N GLY A 515 -19.52 58.23 -17.43
CA GLY A 515 -19.12 58.03 -18.82
C GLY A 515 -17.62 57.88 -18.97
N MET A 517 -18.38 55.12 -17.11
CA MET A 517 -18.56 53.68 -16.80
C MET A 517 -17.93 53.21 -15.47
N SER A 518 -18.65 52.34 -14.77
CA SER A 518 -18.49 52.04 -13.34
C SER A 518 -17.12 51.57 -12.83
N HIS A 519 -16.44 50.74 -13.60
CA HIS A 519 -15.10 50.26 -13.24
C HIS A 519 -14.23 50.24 -14.50
N PRO A 520 -12.91 50.47 -14.35
CA PRO A 520 -12.10 50.56 -13.14
C PRO A 520 -12.21 51.88 -12.40
N ARG A 521 -12.37 51.79 -11.10
CA ARG A 521 -12.33 52.95 -10.23
C ARG A 521 -10.91 53.52 -10.28
N PRO A 522 -10.79 54.85 -10.33
CA PRO A 522 -9.52 55.58 -10.24
C PRO A 522 -8.72 55.27 -8.98
N TRP A 523 -7.44 55.58 -8.99
CA TRP A 523 -6.62 55.28 -7.83
C TRP A 523 -5.61 56.37 -7.55
N LEU A 524 -5.05 56.37 -6.35
CA LEU A 524 -4.00 57.31 -6.02
C LEU A 524 -2.63 56.61 -6.12
N GLY A 525 -1.72 57.22 -6.88
CA GLY A 525 -0.42 56.65 -7.14
C GLY A 525 0.72 57.43 -6.52
N LEU A 526 1.77 56.70 -6.13
CA LEU A 526 2.92 57.24 -5.43
C LEU A 526 4.21 57.11 -6.26
N ASP A 527 4.64 58.20 -6.87
CA ASP A 527 5.72 58.17 -7.86
C ASP A 527 7.13 58.30 -7.30
N HIS A 528 7.92 57.22 -7.34
CA HIS A 528 9.35 57.25 -6.98
C HIS A 528 10.12 56.03 -7.52
N PHE A 529 11.38 55.83 -7.10
CA PHE A 529 12.23 54.81 -7.73
C PHE A 529 12.04 53.40 -7.16
N ASN A 530 12.88 52.48 -7.67
CA ASN A 530 12.89 51.04 -7.36
C ASN A 530 11.58 50.44 -6.85
N GLY B 14 -8.64 -28.99 -16.90
CA GLY B 14 -7.70 -29.25 -15.83
C GLY B 14 -6.99 -30.59 -15.98
N LYS B 15 -6.57 -31.17 -14.86
CA LYS B 15 -6.65 -30.53 -13.55
C LYS B 15 -5.30 -29.91 -13.16
N GLY B 16 -4.31 -30.11 -14.01
CA GLY B 16 -3.03 -29.47 -13.91
C GLY B 16 -1.87 -30.22 -13.29
N LYS B 17 -1.98 -31.54 -13.17
N LYS B 17 -1.99 -31.54 -13.15
CA LYS B 17 -0.92 -32.33 -12.53
CA LYS B 17 -0.99 -32.33 -12.43
C LYS B 17 -0.05 -33.09 -13.53
C LYS B 17 0.03 -33.00 -13.35
N GLY B 18 1.22 -32.73 -13.59
N GLY B 18 -0.41 -34.02 -14.10
CA GLY B 18 2.18 -33.44 -14.43
CA GLY B 18 0.49 -34.76 -14.96
C GLY B 18 3.12 -32.57 -15.24
C GLY B 18 -0.03 -36.13 -15.33
N GLN B 19 4.27 -32.24 -14.66
N GLN B 19 0.90 -37.07 -15.46
CA GLN B 19 5.35 -31.51 -15.33
CA GLN B 19 0.64 -38.44 -15.94
C GLN B 19 4.90 -30.24 -16.06
C GLN B 19 -0.73 -38.99 -15.59
N GLY B 20 -0.87 -39.39 -14.34
CA GLY B 20 -2.05 -40.12 -13.90
C GLY B 20 -1.83 -41.62 -14.02
N LYS B 21 -2.21 -42.36 -12.98
CA LYS B 21 -2.01 -43.81 -12.97
C LYS B 21 -3.31 -44.59 -13.15
#